data_1SE8
#
_entry.id   1SE8
#
_cell.length_a   91.347
_cell.length_b   63.476
_cell.length_c   54.907
_cell.angle_alpha   90.00
_cell.angle_beta   106.27
_cell.angle_gamma   90.00
#
_symmetry.space_group_name_H-M   'C 1 2 1'
#
loop_
_entity.id
_entity.type
_entity.pdbx_description
1 polymer 'Single-strand binding protein'
2 water water
#
_entity_poly.entity_id   1
_entity_poly.type   'polypeptide(L)'
_entity_poly.pdbx_seq_one_letter_code
;(MSE)ARG(MSE)NHVYLIGALARDPELRYTGNG(MSE)AVFEATVAGEDRVIGNDGRERNLPWYHRVSILGKPAEWQAE
RNLKGGDAVVVEGTLEYRQWEAPEGGKRSAVNVKALR(MSE)EQLGTQPELIQDAGGGVR(MSE)SGA(MSE)NEVLVLG
NVTRDPEIRYTPAGDAVLSLSIAVNENYQDRQGQRQEKVHYIDATLWRDLAEN(MSE)KELRKGDPV(MSE)I(MSE)GR
LVNEGWTDKDGNKRNSTRVEATRVEALARGAGNANSGYAAATPAAPRTQTASSAARPTSGGYQSQPSRAANTGSRSGGLD
IDQGLDDFPPEEDDLPF
;
_entity_poly.pdbx_strand_id   A
#
# COMPACT_ATOMS: atom_id res chain seq x y z
N ARG A 3 10.41 10.10 -13.39
CA ARG A 3 10.30 8.64 -13.69
C ARG A 3 9.99 7.84 -12.43
N GLY A 4 9.27 6.73 -12.60
CA GLY A 4 8.81 5.94 -11.48
C GLY A 4 7.40 6.30 -11.11
N MSE A 5 6.61 5.28 -10.79
CA MSE A 5 5.19 5.44 -10.53
C MSE A 5 4.89 4.87 -9.16
O MSE A 5 5.45 3.85 -8.79
CB MSE A 5 4.36 4.67 -11.55
CG MSE A 5 4.34 5.21 -12.98
SE MSE A 5 3.03 4.14 -14.04
CE MSE A 5 2.02 3.58 -12.69
N ASN A 6 3.97 5.50 -8.44
CA ASN A 6 3.61 5.06 -7.10
C ASN A 6 2.16 5.40 -6.79
N HIS A 7 1.25 4.46 -7.06
CA HIS A 7 -0.19 4.73 -6.95
C HIS A 7 -0.93 3.60 -6.26
N VAL A 8 -1.78 3.96 -5.31
CA VAL A 8 -2.69 3.02 -4.66
C VAL A 8 -4.10 3.58 -4.71
N TYR A 9 -5.06 2.76 -5.12
CA TYR A 9 -6.48 3.12 -5.07
C TYR A 9 -7.23 2.12 -4.22
N LEU A 10 -7.96 2.62 -3.22
CA LEU A 10 -8.71 1.75 -2.32
C LEU A 10 -10.13 2.24 -2.25
N ILE A 11 -11.07 1.31 -2.31
CA ILE A 11 -12.45 1.58 -1.86
C ILE A 11 -12.72 0.59 -0.75
N GLY A 12 -13.01 1.09 0.44
CA GLY A 12 -13.22 0.24 1.59
C GLY A 12 -14.01 0.98 2.64
N ALA A 13 -14.31 0.29 3.74
CA ALA A 13 -14.94 0.93 4.91
C ALA A 13 -13.89 1.37 5.90
N LEU A 14 -14.15 2.46 6.62
CA LEU A 14 -13.32 2.80 7.75
C LEU A 14 -13.61 1.76 8.84
N ALA A 15 -12.56 1.07 9.28
CA ALA A 15 -12.71 -0.10 10.14
C ALA A 15 -13.19 0.32 11.53
N ARG A 16 -12.82 1.53 11.93
CA ARG A 16 -13.32 2.18 13.13
C ARG A 16 -13.13 3.69 12.98
N ASP A 17 -13.54 4.45 13.99
CA ASP A 17 -13.38 5.90 13.93
C ASP A 17 -11.92 6.27 13.69
N PRO A 18 -11.65 7.12 12.70
CA PRO A 18 -10.30 7.64 12.49
C PRO A 18 -9.85 8.54 13.64
N GLU A 19 -8.56 8.82 13.70
CA GLU A 19 -8.02 9.65 14.75
C GLU A 19 -7.20 10.78 14.18
N LEU A 20 -7.40 11.98 14.73
CA LEU A 20 -6.49 13.07 14.50
C LEU A 20 -5.59 13.26 15.71
N ARG A 21 -4.27 13.14 15.49
CA ARG A 21 -3.27 13.38 16.51
C ARG A 21 -2.14 14.24 15.96
N TYR A 22 -1.08 14.40 16.75
CA TYR A 22 0.06 15.20 16.37
C TYR A 22 1.37 14.46 16.63
N THR A 23 2.40 14.79 15.84
CA THR A 23 3.75 14.30 16.07
C THR A 23 4.38 15.07 17.23
N GLY A 24 5.54 14.60 17.69
CA GLY A 24 6.32 15.31 18.69
C GLY A 24 6.71 16.71 18.24
N ASN A 25 6.77 16.91 16.92
CA ASN A 25 7.13 18.20 16.33
C ASN A 25 5.92 19.13 16.11
N GLY A 26 4.73 18.63 16.45
CA GLY A 26 3.50 19.42 16.36
C GLY A 26 2.76 19.28 15.03
N MSE A 27 3.26 18.43 14.15
CA MSE A 27 2.60 18.18 12.85
C MSE A 27 1.35 17.33 13.03
O MSE A 27 1.37 16.31 13.73
CB MSE A 27 3.57 17.50 11.88
CG MSE A 27 2.93 17.04 10.58
SE MSE A 27 4.25 16.49 9.22
CE MSE A 27 4.37 14.59 9.67
N ALA A 28 0.24 17.75 12.39
CA ALA A 28 -1.00 16.98 12.41
C ALA A 28 -0.90 15.69 11.64
N VAL A 29 -1.41 14.61 12.21
CA VAL A 29 -1.47 13.32 11.54
C VAL A 29 -2.86 12.73 11.71
N PHE A 30 -3.54 12.54 10.58
CA PHE A 30 -4.83 11.88 10.53
C PHE A 30 -4.60 10.42 10.14
N GLU A 31 -5.13 9.49 10.94
CA GLU A 31 -4.94 8.07 10.71
C GLU A 31 -6.27 7.34 10.69
N ALA A 32 -6.48 6.58 9.62
CA ALA A 32 -7.69 5.77 9.48
C ALA A 32 -7.32 4.39 8.96
N THR A 33 -8.09 3.38 9.33
CA THR A 33 -7.91 2.07 8.74
C THR A 33 -9.01 1.83 7.73
N VAL A 34 -8.61 1.58 6.49
CA VAL A 34 -9.57 1.29 5.43
C VAL A 34 -9.55 -0.21 5.18
N ALA A 35 -10.73 -0.82 5.10
CA ALA A 35 -10.83 -2.27 5.11
C ALA A 35 -11.86 -2.78 4.14
N GLY A 36 -11.51 -3.85 3.45
CA GLY A 36 -12.39 -4.41 2.46
C GLY A 36 -12.10 -5.86 2.18
N GLU A 37 -12.91 -6.44 1.31
CA GLU A 37 -12.59 -7.68 0.66
C GLU A 37 -13.08 -7.59 -0.78
N ASP A 38 -12.24 -7.99 -1.71
CA ASP A 38 -12.62 -8.03 -3.12
C ASP A 38 -12.75 -9.47 -3.61
N ARG A 39 -13.70 -9.70 -4.52
CA ARG A 39 -13.80 -10.98 -5.22
C ARG A 39 -12.72 -11.07 -6.28
N VAL A 40 -11.63 -11.77 -5.96
CA VAL A 40 -10.50 -11.97 -6.87
C VAL A 40 -9.54 -13.00 -6.29
N ARG A 48 -11.69 -16.56 -4.04
CA ARG A 48 -12.17 -16.39 -2.68
C ARG A 48 -12.31 -14.90 -2.33
N ASN A 49 -13.08 -14.61 -1.27
CA ASN A 49 -13.17 -13.27 -0.71
C ASN A 49 -12.00 -13.01 0.24
N LEU A 50 -11.03 -12.24 -0.23
CA LEU A 50 -9.80 -12.00 0.53
C LEU A 50 -9.85 -10.64 1.23
N PRO A 51 -9.81 -10.65 2.57
CA PRO A 51 -9.91 -9.42 3.35
C PRO A 51 -8.59 -8.66 3.39
N TRP A 52 -8.68 -7.34 3.53
CA TRP A 52 -7.52 -6.50 3.74
C TRP A 52 -7.88 -5.34 4.64
N TYR A 53 -6.89 -4.88 5.40
CA TYR A 53 -7.04 -3.75 6.30
C TYR A 53 -5.74 -2.95 6.18
N HIS A 54 -5.84 -1.70 5.77
CA HIS A 54 -4.65 -0.86 5.60
C HIS A 54 -4.79 0.45 6.31
N ARG A 55 -3.75 0.81 7.07
CA ARG A 55 -3.68 2.10 7.73
C ARG A 55 -3.35 3.16 6.69
N VAL A 56 -4.14 4.22 6.67
CA VAL A 56 -3.92 5.33 5.74
C VAL A 56 -3.63 6.56 6.56
N SER A 57 -2.61 7.31 6.17
CA SER A 57 -2.23 8.52 6.90
C SER A 57 -2.28 9.73 6.00
N ILE A 58 -2.72 10.84 6.59
CA ILE A 58 -2.67 12.16 5.96
C ILE A 58 -1.94 13.09 6.94
N LEU A 59 -1.06 13.94 6.40
CA LEU A 59 -0.22 14.80 7.23
C LEU A 59 -0.47 16.29 7.02
N GLY A 60 -0.24 17.07 8.07
CA GLY A 60 -0.27 18.53 7.98
C GLY A 60 -1.67 19.09 7.93
N LYS A 61 -1.82 20.25 7.29
CA LYS A 61 -3.12 20.90 7.17
C LYS A 61 -4.22 20.00 6.54
N PRO A 62 -3.89 19.27 5.46
CA PRO A 62 -4.83 18.27 4.91
C PRO A 62 -5.38 17.29 5.95
N ALA A 63 -4.57 16.94 6.95
CA ALA A 63 -5.03 16.06 8.03
C ALA A 63 -6.14 16.73 8.82
N GLU A 64 -5.94 18.01 9.15
CA GLU A 64 -6.94 18.79 9.86
C GLU A 64 -8.22 18.96 9.01
N TRP A 65 -8.04 19.26 7.73
CA TRP A 65 -9.16 19.38 6.79
C TRP A 65 -9.99 18.10 6.71
N GLN A 66 -9.32 16.95 6.64
CA GLN A 66 -10.01 15.67 6.60
C GLN A 66 -10.76 15.40 7.90
N ALA A 67 -10.08 15.64 9.02
CA ALA A 67 -10.69 15.43 10.34
C ALA A 67 -12.00 16.20 10.45
N GLU A 68 -12.04 17.39 9.84
CA GLU A 68 -13.22 18.26 9.85
C GLU A 68 -14.42 17.63 9.15
N ARG A 69 -14.16 16.75 8.18
CA ARG A 69 -15.22 16.02 7.49
C ARG A 69 -15.92 15.00 8.39
N ASN A 70 -15.29 14.69 9.53
CA ASN A 70 -15.87 13.88 10.61
C ASN A 70 -16.40 12.51 10.18
N LEU A 71 -15.70 11.84 9.27
CA LEU A 71 -16.05 10.47 8.89
C LEU A 71 -15.89 9.53 10.07
N LYS A 72 -16.72 8.50 10.11
CA LYS A 72 -16.76 7.59 11.25
C LYS A 72 -16.56 6.17 10.78
N GLY A 73 -16.27 5.27 11.73
CA GLY A 73 -16.21 3.85 11.45
C GLY A 73 -17.50 3.38 10.78
N GLY A 74 -17.34 2.55 9.75
CA GLY A 74 -18.48 2.08 8.99
C GLY A 74 -18.74 2.86 7.71
N ASP A 75 -18.20 4.07 7.63
CA ASP A 75 -18.33 4.88 6.41
C ASP A 75 -17.47 4.28 5.30
N ALA A 76 -18.02 4.23 4.09
CA ALA A 76 -17.28 3.76 2.94
C ALA A 76 -16.59 4.95 2.29
N VAL A 77 -15.35 4.73 1.87
CA VAL A 77 -14.55 5.81 1.28
C VAL A 77 -13.83 5.32 0.04
N VAL A 78 -13.51 6.27 -0.85
CA VAL A 78 -12.49 6.03 -1.85
C VAL A 78 -11.24 6.82 -1.48
N VAL A 79 -10.09 6.19 -1.62
CA VAL A 79 -8.82 6.80 -1.25
C VAL A 79 -7.86 6.63 -2.41
N GLU A 80 -7.25 7.74 -2.83
CA GLU A 80 -6.13 7.68 -3.75
C GLU A 80 -4.87 8.02 -2.93
N GLY A 81 -3.85 7.21 -3.06
CA GLY A 81 -2.67 7.37 -2.21
C GLY A 81 -1.40 6.90 -2.86
N THR A 82 -0.34 6.89 -2.05
CA THR A 82 0.97 6.41 -2.49
C THR A 82 1.49 5.47 -1.41
N LEU A 83 2.42 4.61 -1.77
CA LEU A 83 3.09 3.78 -0.78
C LEU A 83 4.27 4.53 -0.19
N GLU A 84 4.30 4.62 1.14
CA GLU A 84 5.35 5.35 1.84
C GLU A 84 6.20 4.38 2.63
N TYR A 85 7.49 4.37 2.33
CA TYR A 85 8.46 3.55 3.04
C TYR A 85 9.07 4.32 4.21
N ARG A 86 9.12 3.69 5.38
CA ARG A 86 9.81 4.28 6.52
C ARG A 86 10.76 3.28 7.17
N GLN A 87 11.87 3.81 7.70
CA GLN A 87 12.96 2.98 8.20
C GLN A 87 13.42 3.56 9.54
N TRP A 88 13.63 2.67 10.52
CA TRP A 88 14.11 3.07 11.85
C TRP A 88 14.98 1.99 12.49
N GLU A 89 15.49 2.27 13.68
CA GLU A 89 16.39 1.35 14.38
C GLU A 89 15.70 0.68 15.57
N LYS A 95 18.20 -2.71 11.76
CA LYS A 95 17.14 -1.75 11.43
C LYS A 95 15.80 -2.44 11.17
N ARG A 96 14.72 -1.64 11.24
CA ARG A 96 13.38 -2.13 10.90
C ARG A 96 12.74 -1.17 9.89
N SER A 97 11.75 -1.66 9.16
CA SER A 97 11.09 -0.85 8.14
C SER A 97 9.62 -1.21 8.00
N ALA A 98 8.85 -0.30 7.40
CA ALA A 98 7.43 -0.52 7.14
C ALA A 98 6.99 0.26 5.91
N VAL A 99 6.03 -0.29 5.19
CA VAL A 99 5.38 0.44 4.10
C VAL A 99 3.92 0.70 4.47
N ASN A 100 3.49 1.96 4.35
CA ASN A 100 2.12 2.34 4.66
C ASN A 100 1.52 3.20 3.53
N VAL A 101 0.20 3.33 3.53
CA VAL A 101 -0.47 4.18 2.55
C VAL A 101 -0.56 5.62 3.03
N LYS A 102 -0.07 6.54 2.19
CA LYS A 102 -0.22 7.96 2.42
C LYS A 102 -1.25 8.54 1.45
N ALA A 103 -2.17 9.35 1.98
CA ALA A 103 -3.14 10.06 1.12
C ALA A 103 -3.15 11.57 1.43
N LEU A 104 -3.88 12.34 0.63
CA LEU A 104 -4.13 13.77 0.90
C LEU A 104 -5.59 14.01 1.30
N ARG A 105 -6.45 13.06 0.93
CA ARG A 105 -7.88 13.10 1.26
C ARG A 105 -8.56 11.78 0.88
N MSE A 106 -9.70 11.54 1.52
CA MSE A 106 -10.57 10.47 1.13
C MSE A 106 -11.87 11.11 0.75
O MSE A 106 -12.12 12.27 1.09
CB MSE A 106 -10.80 9.53 2.31
CG MSE A 106 -9.81 9.74 3.39
SE MSE A 106 -10.34 8.66 4.87
CE MSE A 106 -9.14 7.39 4.66
N GLU A 107 -12.70 10.37 0.04
CA GLU A 107 -14.03 10.84 -0.30
C GLU A 107 -15.01 9.79 0.12
N GLN A 108 -16.06 10.19 0.84
CA GLN A 108 -17.08 9.25 1.28
C GLN A 108 -17.97 8.85 0.11
N LEU A 109 -18.33 7.57 0.04
CA LEU A 109 -19.30 7.09 -0.94
C LEU A 109 -20.70 7.53 -0.53
N GLY A 110 -21.58 7.69 -1.51
CA GLY A 110 -22.95 8.07 -1.26
C GLY A 110 -23.84 6.89 -0.97
N THR A 111 -23.38 5.70 -1.36
CA THR A 111 -24.11 4.47 -1.11
C THR A 111 -23.69 3.85 0.23
N GLN A 112 -24.59 3.07 0.80
CA GLN A 112 -24.34 2.39 2.06
C GLN A 112 -23.75 1.00 1.81
N PRO A 113 -22.52 0.78 2.28
CA PRO A 113 -21.82 -0.49 2.06
C PRO A 113 -22.43 -1.63 2.82
N GLU A 114 -22.25 -2.84 2.30
CA GLU A 114 -22.50 -4.05 3.07
C GLU A 114 -21.27 -4.32 3.91
N LEU A 115 -21.43 -4.26 5.22
CA LEU A 115 -20.30 -4.39 6.15
C LEU A 115 -20.23 -5.77 6.76
N ILE A 116 -19.01 -6.23 7.01
CA ILE A 116 -18.76 -7.44 7.76
C ILE A 116 -18.02 -7.07 9.04
N GLN A 117 -18.60 -7.44 10.19
CA GLN A 117 -18.01 -7.10 11.47
C GLN A 117 -17.07 -8.19 11.97
N ASP A 118 -15.88 -7.79 12.43
CA ASP A 118 -14.98 -8.72 13.10
C ASP A 118 -15.14 -8.63 14.63
N ALA A 119 -14.48 -9.55 15.35
CA ALA A 119 -14.64 -9.67 16.80
C ALA A 119 -14.14 -8.44 17.57
N GLY A 120 -13.25 -7.67 16.94
CA GLY A 120 -12.70 -6.47 17.55
C GLY A 120 -13.64 -5.29 17.44
N GLY A 121 -14.80 -5.51 16.83
CA GLY A 121 -15.74 -4.44 16.55
C GLY A 121 -15.36 -3.68 15.29
N GLY A 122 -14.34 -4.15 14.57
CA GLY A 122 -13.93 -3.55 13.31
C GLY A 122 -14.87 -3.99 12.19
N VAL A 123 -15.01 -3.14 11.17
CA VAL A 123 -15.85 -3.50 10.02
C VAL A 123 -15.05 -3.40 8.72
N ARG A 124 -15.42 -4.21 7.74
CA ARG A 124 -14.86 -4.10 6.40
C ARG A 124 -15.98 -4.16 5.38
N MSE A 125 -15.68 -3.67 4.18
CA MSE A 125 -16.65 -3.55 3.11
C MSE A 125 -16.56 -4.74 2.16
O MSE A 125 -15.50 -5.03 1.65
CB MSE A 125 -16.36 -2.28 2.33
CG MSE A 125 -17.40 -1.88 1.38
SE MSE A 125 -16.85 -0.27 0.49
CE MSE A 125 -17.61 -0.65 -1.18
N SER A 126 -17.69 -5.39 1.88
CA SER A 126 -17.72 -6.35 0.80
C SER A 126 -17.77 -5.59 -0.54
N GLY A 127 -17.32 -6.21 -1.61
CA GLY A 127 -17.32 -5.58 -2.92
C GLY A 127 -16.39 -4.37 -3.00
N ALA A 128 -15.27 -4.48 -2.29
CA ALA A 128 -14.30 -3.38 -2.19
C ALA A 128 -13.43 -3.28 -3.43
N MSE A 129 -12.48 -2.35 -3.42
CA MSE A 129 -11.53 -2.23 -4.52
C MSE A 129 -10.14 -1.97 -3.95
O MSE A 129 -9.96 -1.24 -2.99
CB MSE A 129 -11.93 -1.10 -5.47
CG MSE A 129 -11.07 -1.07 -6.69
SE MSE A 129 -11.51 0.40 -7.85
CE MSE A 129 -10.68 1.84 -6.96
N ASN A 130 -9.13 -2.60 -4.58
CA ASN A 130 -7.78 -2.53 -4.08
C ASN A 130 -6.84 -2.70 -5.27
N GLU A 131 -6.23 -1.59 -5.69
CA GLU A 131 -5.34 -1.60 -6.85
C GLU A 131 -4.07 -0.81 -6.59
N VAL A 132 -2.94 -1.40 -6.99
CA VAL A 132 -1.65 -0.75 -6.89
C VAL A 132 -0.99 -0.75 -8.26
N LEU A 133 -0.36 0.36 -8.61
CA LEU A 133 0.49 0.45 -9.79
C LEU A 133 1.78 1.10 -9.37
N VAL A 134 2.89 0.38 -9.51
CA VAL A 134 4.19 0.92 -9.17
C VAL A 134 5.18 0.64 -10.29
N LEU A 135 6.14 1.52 -10.45
CA LEU A 135 7.16 1.38 -11.46
C LEU A 135 8.44 1.88 -10.84
N GLY A 136 9.46 1.02 -10.86
CA GLY A 136 10.75 1.36 -10.28
C GLY A 136 11.82 0.41 -10.80
N ASN A 137 12.86 0.18 -9.99
CA ASN A 137 13.93 -0.72 -10.41
C ASN A 137 14.19 -1.76 -9.34
N VAL A 138 14.53 -2.96 -9.76
CA VAL A 138 14.81 -4.05 -8.83
C VAL A 138 16.03 -3.68 -7.96
N THR A 139 15.93 -3.87 -6.64
CA THR A 139 17.01 -3.45 -5.72
C THR A 139 18.04 -4.55 -5.46
N ARG A 140 17.64 -5.79 -5.69
CA ARG A 140 18.47 -6.95 -5.38
C ARG A 140 18.00 -8.13 -6.19
N ASP A 141 18.90 -9.06 -6.47
CA ASP A 141 18.51 -10.28 -7.20
C ASP A 141 17.36 -10.98 -6.42
N PRO A 142 16.25 -11.24 -7.12
CA PRO A 142 15.05 -11.78 -6.47
C PRO A 142 15.18 -13.21 -5.95
N GLU A 143 14.31 -13.57 -5.01
CA GLU A 143 14.35 -14.86 -4.36
C GLU A 143 13.21 -15.74 -4.90
N ILE A 144 13.56 -16.85 -5.54
CA ILE A 144 12.53 -17.80 -5.99
C ILE A 144 12.40 -19.00 -5.06
N ARG A 145 11.15 -19.32 -4.74
CA ARG A 145 10.83 -20.44 -3.92
C ARG A 145 9.66 -21.18 -4.56
N TYR A 146 9.41 -22.39 -4.09
CA TYR A 146 8.26 -23.17 -4.54
C TYR A 146 7.49 -23.70 -3.35
N THR A 147 6.17 -23.64 -3.42
CA THR A 147 5.33 -24.31 -2.43
C THR A 147 5.57 -25.81 -2.58
N PRO A 148 5.20 -26.61 -1.57
CA PRO A 148 5.42 -28.06 -1.64
C PRO A 148 4.82 -28.67 -2.93
N ALA A 149 3.64 -28.18 -3.34
CA ALA A 149 2.96 -28.66 -4.56
C ALA A 149 3.61 -28.17 -5.86
N GLY A 150 4.60 -27.28 -5.75
CA GLY A 150 5.36 -26.85 -6.91
C GLY A 150 4.89 -25.57 -7.55
N ASP A 151 4.14 -24.76 -6.81
CA ASP A 151 3.77 -23.42 -7.31
C ASP A 151 4.91 -22.45 -7.04
N ALA A 152 5.34 -21.75 -8.09
CA ALA A 152 6.43 -20.79 -7.99
C ALA A 152 6.00 -19.55 -7.22
N VAL A 153 6.90 -19.04 -6.40
CA VAL A 153 6.69 -17.75 -5.74
C VAL A 153 7.99 -16.95 -5.73
N LEU A 154 7.91 -15.73 -6.23
CA LEU A 154 9.07 -14.88 -6.34
C LEU A 154 8.85 -13.63 -5.51
N SER A 155 9.81 -13.35 -4.63
CA SER A 155 9.79 -12.13 -3.85
C SER A 155 10.72 -11.13 -4.54
N LEU A 156 10.16 -9.98 -4.84
CA LEU A 156 10.83 -8.99 -5.66
C LEU A 156 10.77 -7.67 -4.92
N SER A 157 11.90 -6.99 -4.84
CA SER A 157 11.93 -5.70 -4.15
C SER A 157 12.35 -4.62 -5.13
N ILE A 158 11.59 -3.52 -5.17
CA ILE A 158 11.91 -2.46 -6.11
C ILE A 158 12.09 -1.13 -5.40
N ALA A 159 12.86 -0.26 -6.03
CA ALA A 159 13.08 1.08 -5.53
C ALA A 159 12.28 2.05 -6.37
N VAL A 160 11.43 2.82 -5.70
CA VAL A 160 10.64 3.84 -6.34
C VAL A 160 11.17 5.18 -5.86
N ASN A 161 11.67 5.99 -6.79
CA ASN A 161 12.32 7.26 -6.52
C ASN A 161 11.32 8.43 -6.53
N GLU A 162 11.35 9.24 -5.47
CA GLU A 162 10.50 10.44 -5.36
C GLU A 162 11.38 11.70 -5.22
N ASN A 163 11.09 12.71 -6.05
CA ASN A 163 11.71 14.04 -5.92
C ASN A 163 10.92 14.93 -4.98
N TYR A 164 11.61 15.79 -4.24
CA TYR A 164 10.97 16.80 -3.41
C TYR A 164 11.88 18.00 -3.15
N GLN A 165 11.30 19.07 -2.63
CA GLN A 165 12.06 20.27 -2.27
C GLN A 165 12.19 20.39 -0.76
N ASP A 166 13.40 20.54 -0.28
CA ASP A 166 13.65 20.75 1.14
C ASP A 166 13.33 22.21 1.55
N ARG A 167 13.75 22.59 2.75
CA ARG A 167 13.49 23.93 3.29
C ARG A 167 14.21 25.05 2.51
N GLN A 168 15.29 24.68 1.82
CA GLN A 168 16.16 25.64 1.16
C GLN A 168 15.83 25.82 -0.32
N GLY A 169 14.90 25.00 -0.82
CA GLY A 169 14.51 25.03 -2.21
C GLY A 169 15.47 24.26 -3.11
N GLN A 170 16.20 23.32 -2.52
CA GLN A 170 17.09 22.44 -3.28
C GLN A 170 16.40 21.11 -3.52
N ARG A 171 16.58 20.55 -4.71
CA ARG A 171 16.03 19.25 -5.07
C ARG A 171 16.69 18.15 -4.25
N GLN A 172 15.86 17.28 -3.67
CA GLN A 172 16.34 16.10 -2.96
C GLN A 172 15.56 14.89 -3.45
N GLU A 173 16.14 13.70 -3.28
CA GLU A 173 15.46 12.46 -3.63
C GLU A 173 15.16 11.62 -2.39
N LYS A 174 14.03 10.92 -2.47
CA LYS A 174 13.58 10.02 -1.42
C LYS A 174 13.33 8.69 -2.13
N VAL A 175 13.61 7.59 -1.47
CA VAL A 175 13.36 6.28 -2.06
C VAL A 175 12.32 5.51 -1.24
N HIS A 176 11.44 4.81 -1.93
CA HIS A 176 10.52 3.89 -1.30
C HIS A 176 10.85 2.50 -1.79
N TYR A 177 11.23 1.64 -0.87
CA TYR A 177 11.50 0.25 -1.18
C TYR A 177 10.20 -0.52 -1.02
N ILE A 178 9.71 -1.07 -2.13
CA ILE A 178 8.42 -1.76 -2.17
C ILE A 178 8.63 -3.23 -2.50
N ASP A 179 8.02 -4.10 -1.70
CA ASP A 179 8.17 -5.52 -1.88
C ASP A 179 6.94 -6.05 -2.60
N ALA A 180 7.17 -6.97 -3.53
CA ALA A 180 6.09 -7.58 -4.27
C ALA A 180 6.22 -9.09 -4.23
N THR A 181 5.07 -9.75 -4.29
CA THR A 181 5.01 -11.20 -4.35
C THR A 181 4.38 -11.60 -5.69
N LEU A 182 5.11 -12.41 -6.45
CA LEU A 182 4.65 -12.85 -7.76
C LEU A 182 4.42 -14.36 -7.71
N TRP A 183 3.28 -14.81 -8.24
CA TRP A 183 2.92 -16.23 -8.17
C TRP A 183 2.94 -16.91 -9.52
N ARG A 184 3.31 -18.19 -9.51
CA ARG A 184 3.15 -19.08 -10.66
C ARG A 184 3.80 -18.55 -11.94
N ASP A 185 3.00 -18.37 -12.99
CA ASP A 185 3.54 -17.87 -14.28
C ASP A 185 4.28 -16.54 -14.14
N LEU A 186 3.75 -15.64 -13.32
CA LEU A 186 4.39 -14.34 -13.09
C LEU A 186 5.76 -14.51 -12.44
N ALA A 187 5.84 -15.44 -11.49
CA ALA A 187 7.11 -15.75 -10.83
C ALA A 187 8.13 -16.35 -11.82
N GLU A 188 7.71 -17.37 -12.58
CA GLU A 188 8.57 -18.00 -13.57
C GLU A 188 9.04 -16.99 -14.65
N ASN A 189 8.11 -16.14 -15.10
CA ASN A 189 8.41 -15.14 -16.13
C ASN A 189 9.43 -14.08 -15.70
N MSE A 190 9.43 -13.72 -14.41
CA MSE A 190 10.24 -12.62 -13.91
C MSE A 190 11.47 -13.06 -13.09
O MSE A 190 12.21 -12.23 -12.58
CB MSE A 190 9.38 -11.66 -13.05
CG MSE A 190 8.28 -10.96 -13.82
SE MSE A 190 9.00 -9.85 -15.26
CE MSE A 190 9.49 -8.41 -14.34
N LYS A 191 11.69 -14.37 -12.99
CA LYS A 191 12.76 -14.88 -12.13
C LYS A 191 14.18 -14.51 -12.60
N GLU A 192 14.32 -14.10 -13.86
CA GLU A 192 15.62 -13.69 -14.41
C GLU A 192 15.91 -12.19 -14.24
N LEU A 193 15.02 -11.47 -13.57
CA LEU A 193 15.27 -10.07 -13.25
C LEU A 193 16.51 -9.93 -12.40
N ARG A 194 17.24 -8.85 -12.61
CA ARG A 194 18.46 -8.59 -11.87
C ARG A 194 18.41 -7.20 -11.25
N LYS A 195 19.21 -6.99 -10.21
CA LYS A 195 19.34 -5.67 -9.60
C LYS A 195 19.54 -4.61 -10.68
N GLY A 196 18.79 -3.53 -10.56
CA GLY A 196 18.86 -2.44 -11.51
C GLY A 196 17.82 -2.47 -12.62
N ASP A 197 17.25 -3.65 -12.90
CA ASP A 197 16.26 -3.76 -13.98
C ASP A 197 14.99 -2.95 -13.68
N PRO A 198 14.54 -2.15 -14.64
CA PRO A 198 13.28 -1.42 -14.49
C PRO A 198 12.09 -2.34 -14.71
N VAL A 199 11.05 -2.12 -13.93
CA VAL A 199 9.92 -3.03 -13.93
C VAL A 199 8.68 -2.26 -13.49
N MSE A 200 7.53 -2.63 -14.05
CA MSE A 200 6.26 -2.09 -13.58
C MSE A 200 5.43 -3.22 -13.01
O MSE A 200 5.39 -4.31 -13.58
CB MSE A 200 5.53 -1.44 -14.75
CG MSE A 200 4.43 -0.48 -14.31
SE MSE A 200 3.24 -0.25 -15.78
CE MSE A 200 2.59 -1.98 -15.71
N ILE A 201 4.80 -2.96 -11.86
CA ILE A 201 4.05 -3.99 -11.15
C ILE A 201 2.65 -3.47 -10.86
N MSE A 202 1.66 -4.24 -11.27
CA MSE A 202 0.29 -3.96 -10.89
C MSE A 202 -0.20 -5.08 -10.01
O MSE A 202 0.16 -6.23 -10.22
CB MSE A 202 -0.58 -3.87 -12.12
CG MSE A 202 -0.33 -2.61 -12.92
SE MSE A 202 -0.81 -2.88 -14.75
CE MSE A 202 -2.32 -4.14 -14.53
N GLY A 203 -1.03 -4.75 -9.02
CA GLY A 203 -1.59 -5.78 -8.19
C GLY A 203 -2.45 -5.24 -7.08
N ARG A 204 -2.53 -5.99 -6.00
CA ARG A 204 -3.31 -5.58 -4.85
C ARG A 204 -2.42 -5.47 -3.63
N LEU A 205 -2.75 -4.54 -2.75
CA LEU A 205 -1.98 -4.33 -1.55
C LEU A 205 -2.46 -5.28 -0.47
N VAL A 206 -1.53 -6.03 0.08
CA VAL A 206 -1.85 -7.06 1.06
C VAL A 206 -0.94 -6.91 2.29
N ASN A 207 -1.36 -7.55 3.37
CA ASN A 207 -0.49 -7.70 4.52
C ASN A 207 -0.12 -9.16 4.66
N GLU A 208 1.19 -9.42 4.73
CA GLU A 208 1.69 -10.80 4.86
C GLU A 208 2.40 -10.97 6.20
N GLY A 209 1.91 -11.90 7.01
CA GLY A 209 2.46 -12.14 8.33
C GLY A 209 3.68 -13.05 8.28
N TRP A 210 4.64 -12.79 9.18
CA TRP A 210 5.84 -13.60 9.29
C TRP A 210 6.49 -13.48 10.68
N THR A 211 7.52 -14.29 10.92
CA THR A 211 8.21 -14.32 12.23
C THR A 211 9.72 -14.15 12.08
N ARG A 218 5.92 -10.61 13.09
CA ARG A 218 6.22 -9.48 12.20
C ARG A 218 5.16 -9.31 11.11
N ASN A 219 5.05 -8.08 10.61
CA ASN A 219 4.08 -7.76 9.58
C ASN A 219 4.76 -7.14 8.37
N SER A 220 4.24 -7.42 7.18
CA SER A 220 4.75 -6.81 5.97
C SER A 220 3.64 -6.46 4.99
N THR A 221 3.56 -5.18 4.65
CA THR A 221 2.70 -4.72 3.58
C THR A 221 3.42 -4.94 2.25
N ARG A 222 2.78 -5.67 1.35
CA ARG A 222 3.38 -6.07 0.07
C ARG A 222 2.38 -5.89 -1.06
N VAL A 223 2.90 -5.88 -2.28
CA VAL A 223 2.05 -5.90 -3.45
C VAL A 223 1.97 -7.33 -3.99
N GLU A 224 0.78 -7.90 -3.96
CA GLU A 224 0.54 -9.18 -4.61
C GLU A 224 0.24 -8.90 -6.07
N ALA A 225 1.19 -9.24 -6.95
CA ALA A 225 1.13 -8.84 -8.36
C ALA A 225 0.05 -9.59 -9.13
N THR A 226 -0.63 -8.86 -10.00
CA THR A 226 -1.58 -9.45 -10.98
C THR A 226 -1.03 -9.32 -12.39
N ARG A 227 -0.15 -8.33 -12.59
CA ARG A 227 0.51 -8.13 -13.88
C ARG A 227 1.87 -7.46 -13.68
N VAL A 228 2.88 -7.93 -14.39
CA VAL A 228 4.23 -7.38 -14.26
C VAL A 228 4.80 -7.22 -15.65
N GLU A 229 5.46 -6.08 -15.88
CA GLU A 229 6.14 -5.82 -17.15
C GLU A 229 7.58 -5.42 -16.89
N ALA A 230 8.52 -6.21 -17.41
CA ALA A 230 9.92 -5.79 -17.45
C ALA A 230 9.99 -4.66 -18.45
N LEU A 231 10.75 -3.62 -18.14
CA LEU A 231 10.87 -2.49 -19.04
C LEU A 231 12.21 -2.54 -19.74
N ALA A 232 12.34 -1.79 -20.84
CA ALA A 232 13.55 -1.80 -21.66
C ALA A 232 14.74 -1.33 -20.83
N ARG A 233 15.82 -2.09 -20.88
CA ARG A 233 17.02 -1.83 -20.08
C ARG A 233 17.96 -0.87 -20.80
#